data_2GPO
#
_entry.id   2GPO
#
_cell.length_a   64.315
_cell.length_b   64.315
_cell.length_c   139.134
_cell.angle_alpha   90.000
_cell.angle_beta   90.000
_cell.angle_gamma   90.000
#
_symmetry.space_group_name_H-M   'P 41 21 2'
#
loop_
_entity.id
_entity.type
_entity.pdbx_description
1 polymer 'Estrogen-related receptor gamma'
2 polymer 'Nuclear receptor-interacting protein 1'
3 water water
#
loop_
_entity_poly.entity_id
_entity_poly.type
_entity_poly.pdbx_seq_one_letter_code
_entity_poly.pdbx_strand_id
1 'polypeptide(L)'
;PAKKPYNKIVSHLLVAEPEKIYAMPDPTVPDSDIKALTTLCDLADRELVVIIGWAKHIPGFSTLSLADQMSLLQSAWMEI
LILGVVYRSLSFEDELVYADDYIMDEDQSKLAGLLDLNNAILQLVKKYKSMKLEKEEFVTLKAIALANSDSMHIEDVEAV
QKLQDVLHEALQDYEAGQHMEDPRRAGKMLMTLPLLRQTSTKAVQHFYNIKLEGKVPMHKLFLEMLEAKV
;
A
2 'polypeptide(L)' LERNNIKQAANNSLLLHLLKSQTIP C
#
# COMPACT_ATOMS: atom_id res chain seq x y z
N ASN A 7 12.47 -11.48 -15.36
CA ASN A 7 13.23 -11.16 -14.11
C ASN A 7 12.66 -11.92 -12.91
N LYS A 8 13.52 -12.62 -12.17
CA LYS A 8 13.06 -13.54 -11.14
C LYS A 8 12.42 -12.87 -9.93
N ILE A 9 12.98 -11.76 -9.49
CA ILE A 9 12.36 -11.04 -8.39
C ILE A 9 10.91 -10.63 -8.74
N VAL A 10 10.69 -10.20 -9.98
CA VAL A 10 9.35 -9.79 -10.42
C VAL A 10 8.40 -11.00 -10.44
N SER A 11 8.89 -12.13 -10.98
N SER A 11 8.87 -12.13 -10.97
CA SER A 11 8.10 -13.36 -10.99
CA SER A 11 8.04 -13.34 -11.00
C SER A 11 7.74 -13.80 -9.59
C SER A 11 7.73 -13.80 -9.57
N HIS A 12 8.71 -13.70 -8.68
CA HIS A 12 8.51 -14.07 -7.27
C HIS A 12 7.51 -13.17 -6.57
N LEU A 13 7.57 -11.86 -6.87
CA LEU A 13 6.59 -10.95 -6.29
C LEU A 13 5.18 -11.24 -6.80
N LEU A 14 5.06 -11.59 -8.08
CA LEU A 14 3.77 -11.98 -8.64
C LEU A 14 3.16 -13.20 -7.96
N VAL A 15 3.96 -14.24 -7.73
CA VAL A 15 3.43 -15.42 -7.01
C VAL A 15 3.17 -15.16 -5.55
N ALA A 16 3.89 -14.19 -4.96
CA ALA A 16 3.70 -13.83 -3.56
C ALA A 16 2.48 -12.93 -3.34
N GLU A 17 1.88 -12.46 -4.42
CA GLU A 17 0.76 -11.54 -4.33
C GLU A 17 -0.44 -12.23 -3.65
N PRO A 18 -0.92 -11.67 -2.52
CA PRO A 18 -2.01 -12.30 -1.75
C PRO A 18 -3.38 -12.26 -2.44
N GLU A 19 -4.25 -13.19 -2.03
CA GLU A 19 -5.63 -13.22 -2.43
C GLU A 19 -6.33 -11.94 -1.95
N LYS A 20 -7.29 -11.48 -2.72
CA LYS A 20 -8.07 -10.31 -2.32
C LYS A 20 -9.03 -10.71 -1.20
N ILE A 21 -9.50 -9.73 -0.44
CA ILE A 21 -10.46 -10.01 0.61
C ILE A 21 -11.69 -9.11 0.44
N TYR A 22 -12.78 -9.48 1.11
CA TYR A 22 -14.04 -8.77 0.94
C TYR A 22 -14.22 -7.74 2.03
N ALA A 23 -14.86 -6.63 1.70
CA ALA A 23 -15.17 -5.60 2.69
C ALA A 23 -16.33 -6.05 3.59
N MET A 24 -17.31 -6.74 3.03
CA MET A 24 -18.49 -7.21 3.79
C MET A 24 -19.14 -6.10 4.63
N PRO A 25 -19.62 -5.02 3.97
CA PRO A 25 -20.33 -4.00 4.74
C PRO A 25 -21.58 -4.66 5.35
N ASP A 26 -21.95 -4.25 6.56
CA ASP A 26 -23.05 -4.89 7.29
C ASP A 26 -24.38 -4.53 6.61
N PRO A 27 -25.06 -5.54 6.02
CA PRO A 27 -26.28 -5.22 5.29
C PRO A 27 -27.46 -4.82 6.21
N THR A 28 -27.28 -4.95 7.51
CA THR A 28 -28.35 -4.59 8.45
C THR A 28 -28.22 -3.16 8.98
N VAL A 29 -27.12 -2.49 8.66
CA VAL A 29 -26.79 -1.17 9.21
C VAL A 29 -27.15 -0.08 8.19
N PRO A 30 -27.87 0.99 8.62
CA PRO A 30 -28.21 2.07 7.70
C PRO A 30 -26.96 2.73 7.11
N ASP A 31 -26.97 3.10 5.83
CA ASP A 31 -25.84 3.82 5.24
C ASP A 31 -25.65 5.16 5.96
N SER A 32 -24.38 5.47 6.24
CA SER A 32 -23.98 6.68 6.95
C SER A 32 -22.47 6.82 6.78
N ASP A 33 -21.94 7.98 7.19
CA ASP A 33 -20.47 8.18 7.20
C ASP A 33 -19.80 7.20 8.16
N ILE A 34 -20.47 6.92 9.27
CA ILE A 34 -19.93 6.05 10.30
C ILE A 34 -19.84 4.60 9.82
N LYS A 35 -20.87 4.16 9.08
CA LYS A 35 -20.88 2.83 8.46
C LYS A 35 -19.74 2.70 7.44
N ALA A 36 -19.67 3.66 6.52
CA ALA A 36 -18.61 3.64 5.49
C ALA A 36 -17.21 3.60 6.11
N LEU A 37 -16.96 4.44 7.12
CA LEU A 37 -15.65 4.52 7.74
C LEU A 37 -15.34 3.29 8.58
N THR A 38 -16.36 2.73 9.25
CA THR A 38 -16.17 1.48 9.98
C THR A 38 -15.80 0.35 9.03
N THR A 39 -16.50 0.27 7.90
CA THR A 39 -16.25 -0.76 6.88
C THR A 39 -14.81 -0.67 6.36
N LEU A 40 -14.37 0.54 6.03
CA LEU A 40 -13.00 0.77 5.49
C LEU A 40 -11.93 0.47 6.52
N CYS A 41 -12.14 0.90 7.76
CA CYS A 41 -11.16 0.62 8.82
C CYS A 41 -11.05 -0.86 9.17
N ASP A 42 -12.18 -1.56 9.11
CA ASP A 42 -12.23 -3.01 9.33
C ASP A 42 -11.50 -3.76 8.22
N LEU A 43 -11.72 -3.35 6.98
CA LEU A 43 -11.04 -3.91 5.81
C LEU A 43 -9.51 -3.68 5.94
N ALA A 44 -9.12 -2.47 6.35
CA ALA A 44 -7.70 -2.10 6.45
C ALA A 44 -7.01 -2.93 7.53
N ASP A 45 -7.69 -3.13 8.65
CA ASP A 45 -7.19 -4.01 9.71
C ASP A 45 -6.85 -5.42 9.18
N ARG A 46 -7.76 -5.98 8.40
CA ARG A 46 -7.58 -7.32 7.83
C ARG A 46 -6.52 -7.35 6.72
N GLU A 47 -6.48 -6.30 5.91
N GLU A 47 -6.47 -6.31 5.90
CA GLU A 47 -5.45 -6.16 4.87
CA GLU A 47 -5.43 -6.21 4.87
C GLU A 47 -4.06 -6.04 5.50
C GLU A 47 -4.04 -6.04 5.50
N LEU A 48 -3.97 -5.36 6.64
CA LEU A 48 -2.71 -5.19 7.34
C LEU A 48 -2.10 -6.54 7.78
N VAL A 49 -2.94 -7.46 8.25
CA VAL A 49 -2.51 -8.83 8.56
C VAL A 49 -1.91 -9.50 7.33
N VAL A 50 -2.61 -9.35 6.20
CA VAL A 50 -2.18 -9.91 4.91
C VAL A 50 -0.85 -9.29 4.42
N ILE A 51 -0.70 -7.98 4.62
CA ILE A 51 0.54 -7.26 4.24
C ILE A 51 1.75 -7.75 5.03
N ILE A 52 1.58 -7.95 6.33
CA ILE A 52 2.64 -8.47 7.16
C ILE A 52 3.14 -9.83 6.64
N GLY A 53 2.22 -10.73 6.30
CA GLY A 53 2.57 -12.04 5.74
C GLY A 53 3.24 -11.94 4.39
N TRP A 54 2.74 -11.03 3.55
CA TRP A 54 3.33 -10.78 2.22
C TRP A 54 4.79 -10.30 2.28
N ALA A 55 5.09 -9.40 3.20
CA ALA A 55 6.43 -8.78 3.29
C ALA A 55 7.52 -9.82 3.50
N LYS A 56 7.16 -10.89 4.22
CA LYS A 56 8.13 -11.95 4.53
C LYS A 56 8.60 -12.69 3.27
N HIS A 57 7.86 -12.56 2.18
CA HIS A 57 8.22 -13.16 0.91
C HIS A 57 9.21 -12.32 0.08
N ILE A 58 9.42 -11.08 0.51
CA ILE A 58 10.31 -10.19 -0.24
C ILE A 58 11.76 -10.56 0.08
N PRO A 59 12.54 -10.88 -0.95
CA PRO A 59 13.93 -11.32 -0.71
C PRO A 59 14.69 -10.38 0.22
N GLY A 60 15.18 -10.90 1.35
CA GLY A 60 15.98 -10.12 2.29
C GLY A 60 15.21 -9.49 3.44
N PHE A 61 13.90 -9.31 3.29
CA PHE A 61 13.12 -8.65 4.33
C PHE A 61 13.20 -9.38 5.68
N SER A 62 13.02 -10.70 5.66
CA SER A 62 13.00 -11.48 6.91
C SER A 62 14.36 -11.62 7.59
N THR A 63 15.44 -11.31 6.87
CA THR A 63 16.77 -11.39 7.46
C THR A 63 17.10 -10.12 8.20
N LEU A 64 16.40 -9.04 7.89
CA LEU A 64 16.48 -7.83 8.71
C LEU A 64 16.06 -8.17 10.13
N SER A 65 16.54 -7.37 11.09
CA SER A 65 16.12 -7.55 12.47
C SER A 65 14.62 -7.28 12.57
N LEU A 66 13.99 -7.83 13.60
CA LEU A 66 12.56 -7.60 13.81
C LEU A 66 12.25 -6.12 13.96
N ALA A 67 13.12 -5.38 14.66
CA ALA A 67 12.90 -3.94 14.85
C ALA A 67 12.84 -3.18 13.50
N ASP A 68 13.75 -3.53 12.59
CA ASP A 68 13.79 -2.89 11.27
C ASP A 68 12.60 -3.33 10.40
N GLN A 69 12.23 -4.60 10.49
CA GLN A 69 11.04 -5.11 9.80
C GLN A 69 9.83 -4.30 10.25
N MET A 70 9.75 -4.08 11.57
CA MET A 70 8.67 -3.29 12.17
C MET A 70 8.69 -1.86 11.67
N SER A 71 9.88 -1.25 11.68
CA SER A 71 10.05 0.14 11.26
C SER A 71 9.62 0.38 9.81
N LEU A 72 10.04 -0.51 8.91
CA LEU A 72 9.62 -0.42 7.50
C LEU A 72 8.10 -0.49 7.38
N LEU A 73 7.50 -1.48 8.04
CA LEU A 73 6.06 -1.65 7.94
C LEU A 73 5.30 -0.51 8.59
N GLN A 74 5.80 -0.02 9.72
CA GLN A 74 5.17 1.13 10.40
C GLN A 74 5.16 2.40 9.53
N SER A 75 6.21 2.59 8.73
CA SER A 75 6.31 3.74 7.84
C SER A 75 5.52 3.55 6.54
N ALA A 76 5.53 2.35 5.99
CA ALA A 76 5.03 2.13 4.64
C ALA A 76 3.61 1.59 4.52
N TRP A 77 2.98 1.19 5.63
CA TRP A 77 1.74 0.40 5.50
C TRP A 77 0.64 1.07 4.69
N MET A 78 0.42 2.37 4.87
CA MET A 78 -0.65 3.06 4.17
C MET A 78 -0.40 3.22 2.67
N GLU A 79 0.86 3.48 2.30
CA GLU A 79 1.24 3.46 0.89
C GLU A 79 0.92 2.10 0.26
N ILE A 80 1.21 1.02 0.98
CA ILE A 80 0.93 -0.33 0.45
C ILE A 80 -0.59 -0.53 0.27
N LEU A 81 -1.34 -0.08 1.27
CA LEU A 81 -2.82 -0.16 1.20
C LEU A 81 -3.35 0.66 0.03
N ILE A 82 -2.83 1.88 -0.13
CA ILE A 82 -3.28 2.77 -1.20
C ILE A 82 -2.92 2.21 -2.57
N LEU A 83 -1.69 1.75 -2.75
CA LEU A 83 -1.31 1.14 -4.01
C LEU A 83 -2.25 0.02 -4.43
N GLY A 84 -2.69 -0.79 -3.47
CA GLY A 84 -3.65 -1.86 -3.74
C GLY A 84 -4.98 -1.31 -4.28
N VAL A 85 -5.54 -0.30 -3.61
CA VAL A 85 -6.79 0.34 -4.09
C VAL A 85 -6.61 0.92 -5.50
N VAL A 86 -5.49 1.62 -5.69
CA VAL A 86 -5.14 2.18 -7.00
C VAL A 86 -5.12 1.11 -8.07
N TYR A 87 -4.39 0.03 -7.82
CA TYR A 87 -4.31 -1.04 -8.81
C TYR A 87 -5.67 -1.65 -9.17
N ARG A 88 -6.47 -1.93 -8.16
CA ARG A 88 -7.81 -2.52 -8.39
C ARG A 88 -8.73 -1.60 -9.17
N SER A 89 -8.40 -0.31 -9.17
CA SER A 89 -9.26 0.73 -9.74
C SER A 89 -8.94 1.08 -11.19
N LEU A 90 -7.85 0.52 -11.73
CA LEU A 90 -7.32 0.96 -13.03
C LEU A 90 -8.28 0.82 -14.22
N SER A 91 -9.14 -0.19 -14.21
CA SER A 91 -10.06 -0.33 -15.34
C SER A 91 -11.42 0.35 -15.06
N PHE A 92 -11.50 1.11 -13.96
CA PHE A 92 -12.71 1.85 -13.60
C PHE A 92 -12.56 3.34 -13.90
N GLU A 93 -13.68 4.05 -13.92
CA GLU A 93 -13.70 5.48 -14.22
C GLU A 93 -14.28 6.21 -13.04
N ASP A 94 -13.48 7.09 -12.45
CA ASP A 94 -13.92 7.91 -11.31
C ASP A 94 -14.49 7.12 -10.13
N GLU A 95 -14.10 5.87 -9.99
CA GLU A 95 -14.50 5.03 -8.85
C GLU A 95 -13.29 4.35 -8.24
N LEU A 96 -13.35 4.09 -6.94
CA LEU A 96 -12.25 3.42 -6.23
C LEU A 96 -12.68 2.05 -5.71
N VAL A 97 -12.00 1.02 -6.19
CA VAL A 97 -12.29 -0.35 -5.80
C VAL A 97 -11.54 -0.71 -4.52
N TYR A 98 -12.10 -0.33 -3.37
CA TYR A 98 -11.57 -0.73 -2.08
C TYR A 98 -11.60 -2.26 -1.95
N ALA A 99 -12.67 -2.85 -2.48
CA ALA A 99 -12.77 -4.30 -2.62
C ALA A 99 -13.86 -4.58 -3.65
N ASP A 100 -13.94 -5.83 -4.10
CA ASP A 100 -14.91 -6.17 -5.15
C ASP A 100 -16.34 -5.88 -4.73
N ASP A 101 -16.60 -5.95 -3.43
CA ASP A 101 -17.92 -5.66 -2.86
C ASP A 101 -17.97 -4.27 -2.19
N TYR A 102 -17.04 -3.38 -2.56
CA TYR A 102 -17.02 -2.05 -1.96
C TYR A 102 -16.31 -1.06 -2.88
N ILE A 103 -17.10 -0.49 -3.78
CA ILE A 103 -16.60 0.41 -4.82
C ILE A 103 -17.24 1.77 -4.54
N MET A 104 -16.40 2.79 -4.35
CA MET A 104 -16.87 4.12 -3.98
C MET A 104 -16.80 5.08 -5.15
N ASP A 105 -17.96 5.62 -5.52
CA ASP A 105 -18.01 6.73 -6.49
C ASP A 105 -17.95 8.06 -5.73
N GLU A 106 -18.01 9.15 -6.49
CA GLU A 106 -17.90 10.51 -5.94
C GLU A 106 -18.93 10.80 -4.85
N ASP A 107 -20.18 10.42 -5.12
CA ASP A 107 -21.27 10.65 -4.17
C ASP A 107 -21.01 9.93 -2.84
N GLN A 108 -20.60 8.67 -2.90
CA GLN A 108 -20.27 7.91 -1.68
C GLN A 108 -19.07 8.50 -0.96
N SER A 109 -18.08 8.98 -1.73
CA SER A 109 -16.93 9.65 -1.14
C SER A 109 -17.34 10.87 -0.32
N LYS A 110 -18.23 11.71 -0.88
CA LYS A 110 -18.80 12.86 -0.17
C LYS A 110 -19.51 12.44 1.11
N LEU A 111 -20.31 11.38 1.02
CA LEU A 111 -21.09 10.91 2.17
C LEU A 111 -20.19 10.41 3.30
N ALA A 112 -19.05 9.82 2.94
CA ALA A 112 -18.11 9.30 3.93
C ALA A 112 -17.17 10.39 4.42
N GLY A 113 -17.25 11.57 3.81
CA GLY A 113 -16.36 12.67 4.15
C GLY A 113 -14.94 12.44 3.62
N LEU A 114 -14.85 11.74 2.49
CA LEU A 114 -13.54 11.33 1.94
C LEU A 114 -13.28 11.91 0.57
N LEU A 115 -14.01 12.97 0.20
CA LEU A 115 -13.91 13.49 -1.16
C LEU A 115 -12.48 13.91 -1.52
N ASP A 116 -11.85 14.71 -0.66
CA ASP A 116 -10.48 15.18 -0.92
C ASP A 116 -9.48 14.02 -0.98
N LEU A 117 -9.55 13.11 -0.01
CA LEU A 117 -8.64 11.95 0.00
C LEU A 117 -8.81 11.08 -1.24
N ASN A 118 -10.06 10.71 -1.54
CA ASN A 118 -10.34 9.84 -2.69
C ASN A 118 -10.07 10.51 -4.03
N ASN A 119 -10.22 11.83 -4.09
CA ASN A 119 -9.78 12.59 -5.25
C ASN A 119 -8.27 12.50 -5.49
N ALA A 120 -7.49 12.59 -4.42
CA ALA A 120 -6.03 12.41 -4.53
C ALA A 120 -5.66 10.98 -4.95
N ILE A 121 -6.39 9.98 -4.43
CA ILE A 121 -6.15 8.57 -4.83
C ILE A 121 -6.52 8.42 -6.31
N LEU A 122 -7.62 9.03 -6.71
CA LEU A 122 -7.99 9.02 -8.13
C LEU A 122 -6.93 9.66 -9.03
N GLN A 123 -6.20 10.65 -8.52
CA GLN A 123 -5.09 11.27 -9.29
C GLN A 123 -3.97 10.27 -9.55
N LEU A 124 -3.69 9.42 -8.55
CA LEU A 124 -2.70 8.35 -8.74
C LEU A 124 -3.20 7.33 -9.74
N VAL A 125 -4.49 6.98 -9.65
CA VAL A 125 -5.10 6.06 -10.62
C VAL A 125 -4.92 6.59 -12.04
N LYS A 126 -5.31 7.86 -12.23
CA LYS A 126 -5.24 8.50 -13.53
C LYS A 126 -3.82 8.49 -14.13
N LYS A 127 -2.81 8.73 -13.28
N LYS A 127 -2.82 8.74 -13.27
CA LYS A 127 -1.43 8.70 -13.75
CA LYS A 127 -1.42 8.71 -13.70
C LYS A 127 -1.00 7.31 -14.20
C LYS A 127 -1.04 7.32 -14.20
N TYR A 128 -1.31 6.31 -13.38
CA TYR A 128 -0.96 4.94 -13.75
C TYR A 128 -1.73 4.43 -14.96
N LYS A 129 -3.00 4.84 -15.11
CA LYS A 129 -3.78 4.52 -16.29
C LYS A 129 -3.08 5.02 -17.54
N SER A 130 -2.63 6.27 -17.51
CA SER A 130 -1.95 6.89 -18.63
C SER A 130 -0.61 6.20 -18.96
N MET A 131 0.04 5.65 -17.94
CA MET A 131 1.31 4.93 -18.17
C MET A 131 1.09 3.46 -18.51
N LYS A 132 -0.17 3.02 -18.49
CA LYS A 132 -0.54 1.60 -18.68
C LYS A 132 0.21 0.71 -17.69
N LEU A 133 0.12 1.06 -16.42
CA LEU A 133 0.76 0.27 -15.37
C LEU A 133 0.39 -1.21 -15.45
N GLU A 134 1.41 -2.06 -15.45
CA GLU A 134 1.24 -3.52 -15.52
C GLU A 134 1.32 -4.15 -14.14
N LYS A 135 0.80 -5.36 -13.99
CA LYS A 135 0.86 -6.01 -12.67
C LYS A 135 2.30 -6.19 -12.16
N GLU A 136 3.20 -6.55 -13.07
CA GLU A 136 4.64 -6.71 -12.77
C GLU A 136 5.21 -5.44 -12.10
N GLU A 137 4.82 -4.31 -12.67
CA GLU A 137 5.31 -3.00 -12.23
C GLU A 137 4.67 -2.63 -10.90
N PHE A 138 3.36 -2.90 -10.77
CA PHE A 138 2.65 -2.70 -9.50
C PHE A 138 3.31 -3.45 -8.34
N VAL A 139 3.55 -4.76 -8.51
CA VAL A 139 4.06 -5.54 -7.37
C VAL A 139 5.48 -5.08 -7.01
N THR A 140 6.24 -4.66 -8.01
CA THR A 140 7.62 -4.24 -7.78
C THR A 140 7.60 -2.90 -7.06
N LEU A 141 6.71 -1.99 -7.47
CA LEU A 141 6.63 -0.69 -6.80
C LEU A 141 6.12 -0.81 -5.38
N LYS A 142 5.20 -1.76 -5.12
CA LYS A 142 4.76 -2.00 -3.72
C LYS A 142 5.94 -2.36 -2.85
N ALA A 143 6.77 -3.28 -3.35
CA ALA A 143 7.96 -3.70 -2.59
C ALA A 143 8.95 -2.54 -2.42
N ILE A 144 9.17 -1.77 -3.49
CA ILE A 144 10.06 -0.58 -3.41
C ILE A 144 9.54 0.44 -2.37
N ALA A 145 8.21 0.67 -2.33
CA ALA A 145 7.60 1.59 -1.35
C ALA A 145 7.87 1.13 0.08
N LEU A 146 7.80 -0.18 0.31
CA LEU A 146 8.18 -0.72 1.62
C LEU A 146 9.65 -0.45 1.99
N ALA A 147 10.55 -0.76 1.07
CA ALA A 147 11.98 -0.65 1.31
C ALA A 147 12.44 0.81 1.44
N ASN A 148 11.75 1.70 0.71
CA ASN A 148 12.15 3.11 0.58
C ASN A 148 11.26 3.98 1.46
N SER A 149 10.84 3.47 2.61
CA SER A 149 9.76 4.12 3.35
C SER A 149 10.25 5.22 4.27
N ASP A 150 11.58 5.40 4.36
CA ASP A 150 12.17 6.51 5.09
C ASP A 150 11.93 6.56 6.61
N SER A 151 11.82 5.39 7.25
CA SER A 151 11.74 5.32 8.69
C SER A 151 12.92 6.03 9.32
N MET A 152 12.66 6.83 10.34
CA MET A 152 13.73 7.45 11.11
C MET A 152 14.47 6.51 12.04
N HIS A 153 13.99 5.28 12.18
CA HIS A 153 14.42 4.41 13.27
C HIS A 153 15.24 3.17 12.86
N ILE A 154 15.77 3.16 11.64
CA ILE A 154 16.48 1.99 11.12
C ILE A 154 17.79 1.70 11.86
N GLU A 155 17.97 0.44 12.26
CA GLU A 155 19.20 -0.06 12.89
C GLU A 155 20.30 -0.27 11.86
N ASP A 156 20.04 -1.13 10.89
CA ASP A 156 21.00 -1.50 9.86
C ASP A 156 20.67 -0.78 8.56
N VAL A 157 21.09 0.48 8.45
CA VAL A 157 20.91 1.27 7.24
C VAL A 157 21.48 0.62 5.98
N GLU A 158 22.63 -0.04 6.08
N GLU A 158 22.64 -0.03 6.11
CA GLU A 158 23.23 -0.69 4.91
CA GLU A 158 23.28 -0.73 4.99
C GLU A 158 22.44 -1.89 4.38
C GLU A 158 22.38 -1.82 4.41
N ALA A 159 21.80 -2.64 5.27
CA ALA A 159 20.93 -3.74 4.83
C ALA A 159 19.66 -3.20 4.16
N VAL A 160 19.09 -2.12 4.70
CA VAL A 160 17.88 -1.52 4.09
C VAL A 160 18.20 -0.93 2.71
N GLN A 161 19.32 -0.22 2.59
CA GLN A 161 19.78 0.24 1.27
C GLN A 161 19.98 -0.92 0.28
N LYS A 162 20.54 -2.04 0.74
CA LYS A 162 20.68 -3.20 -0.15
C LYS A 162 19.33 -3.75 -0.59
N LEU A 163 18.37 -3.83 0.33
CA LEU A 163 17.02 -4.26 -0.04
C LEU A 163 16.44 -3.30 -1.10
N GLN A 164 16.61 -1.98 -0.88
CA GLN A 164 16.19 -0.98 -1.88
C GLN A 164 16.84 -1.25 -3.24
N ASP A 165 18.16 -1.48 -3.22
N ASP A 165 18.14 -1.49 -3.23
CA ASP A 165 18.96 -1.75 -4.43
CA ASP A 165 18.89 -1.71 -4.46
C ASP A 165 18.48 -2.97 -5.18
C ASP A 165 18.49 -2.98 -5.20
N VAL A 166 18.26 -4.05 -4.46
CA VAL A 166 17.79 -5.30 -5.05
C VAL A 166 16.47 -5.11 -5.84
N LEU A 167 15.53 -4.39 -5.23
CA LEU A 167 14.21 -4.17 -5.83
C LEU A 167 14.30 -3.15 -6.97
N HIS A 168 15.07 -2.10 -6.75
CA HIS A 168 15.34 -1.11 -7.80
C HIS A 168 15.98 -1.78 -9.04
N GLU A 169 16.96 -2.66 -8.81
CA GLU A 169 17.58 -3.41 -9.90
C GLU A 169 16.56 -4.26 -10.65
N ALA A 170 15.66 -4.92 -9.92
CA ALA A 170 14.62 -5.72 -10.58
C ALA A 170 13.71 -4.86 -11.46
N LEU A 171 13.33 -3.68 -10.97
CA LEU A 171 12.53 -2.75 -11.77
C LEU A 171 13.29 -2.35 -13.04
N GLN A 172 14.52 -1.85 -12.89
N GLN A 172 14.57 -1.99 -12.87
CA GLN A 172 15.30 -1.37 -14.05
CA GLN A 172 15.49 -1.69 -13.97
C GLN A 172 15.45 -2.47 -15.10
C GLN A 172 15.58 -2.85 -14.98
N ASP A 173 15.78 -3.67 -14.64
N ASP A 173 15.90 -4.06 -14.50
CA ASP A 173 15.94 -4.90 -15.47
CA ASP A 173 15.96 -5.23 -15.39
C ASP A 173 14.64 -5.26 -16.18
C ASP A 173 14.66 -5.45 -16.14
N TYR A 174 13.55 -5.35 -15.43
CA TYR A 174 12.24 -5.57 -16.04
C TYR A 174 11.99 -4.55 -17.16
N GLU A 175 12.21 -3.26 -16.86
CA GLU A 175 11.90 -2.25 -17.86
C GLU A 175 12.83 -2.31 -19.07
N ALA A 176 14.07 -2.73 -18.85
CA ALA A 176 15.05 -2.83 -19.94
C ALA A 176 14.66 -3.95 -20.90
N GLY A 177 14.08 -5.03 -20.37
CA GLY A 177 13.67 -6.16 -21.19
C GLY A 177 12.30 -6.01 -21.83
N GLN A 178 11.37 -5.42 -21.09
N GLN A 178 11.35 -5.45 -21.08
CA GLN A 178 9.97 -5.38 -21.51
CA GLN A 178 9.97 -5.38 -21.53
C GLN A 178 9.55 -4.07 -22.18
C GLN A 178 9.62 -4.09 -22.28
N HIS A 179 10.32 -3.00 -21.98
CA HIS A 179 9.95 -1.69 -22.50
C HIS A 179 11.10 -0.93 -23.17
N MET A 180 11.70 -1.56 -24.18
CA MET A 180 12.82 -0.97 -24.90
C MET A 180 12.43 0.31 -25.61
N GLU A 181 11.13 0.51 -25.83
CA GLU A 181 10.64 1.70 -26.51
C GLU A 181 10.76 2.96 -25.65
N ASP A 182 10.90 2.77 -24.33
CA ASP A 182 11.00 3.91 -23.43
C ASP A 182 12.12 3.63 -22.44
N PRO A 183 13.35 4.04 -22.78
CA PRO A 183 14.47 3.78 -21.90
C PRO A 183 14.39 4.52 -20.56
N ARG A 184 13.39 5.38 -20.37
CA ARG A 184 13.22 6.08 -19.09
C ARG A 184 12.00 5.58 -18.29
N ARG A 185 11.43 4.47 -18.71
CA ARG A 185 10.19 4.02 -18.05
C ARG A 185 10.42 3.67 -16.58
N ALA A 186 11.54 3.02 -16.25
CA ALA A 186 11.84 2.74 -14.82
C ALA A 186 11.84 4.01 -13.96
N GLY A 187 12.52 5.05 -14.44
CA GLY A 187 12.54 6.34 -13.75
C GLY A 187 11.17 6.97 -13.63
N LYS A 188 10.33 6.87 -14.66
CA LYS A 188 8.97 7.42 -14.62
C LYS A 188 8.17 6.72 -13.53
N MET A 189 8.36 5.40 -13.39
CA MET A 189 7.69 4.64 -12.34
C MET A 189 8.14 5.13 -10.99
N LEU A 190 9.44 5.32 -10.81
CA LEU A 190 9.96 5.82 -9.52
C LEU A 190 9.43 7.24 -9.23
N MET A 191 9.25 8.04 -10.29
CA MET A 191 8.72 9.40 -10.14
C MET A 191 7.24 9.49 -9.74
N THR A 192 6.54 8.35 -9.68
CA THR A 192 5.16 8.31 -9.16
C THR A 192 5.13 8.15 -7.62
N LEU A 193 6.28 7.79 -7.04
CA LEU A 193 6.33 7.54 -5.59
C LEU A 193 6.06 8.78 -4.71
N PRO A 194 6.52 9.98 -5.11
CA PRO A 194 6.16 11.16 -4.34
C PRO A 194 4.65 11.37 -4.14
N LEU A 195 3.85 11.19 -5.18
CA LEU A 195 2.39 11.34 -5.00
C LEU A 195 1.82 10.24 -4.11
N LEU A 196 2.35 9.03 -4.23
CA LEU A 196 1.91 7.94 -3.34
C LEU A 196 2.20 8.29 -1.88
N ARG A 197 3.40 8.81 -1.61
CA ARG A 197 3.78 9.26 -0.27
C ARG A 197 2.86 10.38 0.24
N GLN A 198 2.63 11.38 -0.61
CA GLN A 198 1.74 12.49 -0.28
C GLN A 198 0.31 12.02 0.07
N THR A 199 -0.24 11.13 -0.75
CA THR A 199 -1.58 10.63 -0.54
C THR A 199 -1.68 9.79 0.75
N SER A 200 -0.65 8.99 1.02
CA SER A 200 -0.59 8.19 2.24
C SER A 200 -0.58 9.08 3.48
N THR A 201 0.21 10.14 3.44
CA THR A 201 0.29 11.06 4.58
C THR A 201 -1.08 11.67 4.87
N LYS A 202 -1.76 12.05 3.81
CA LYS A 202 -3.11 12.60 3.88
C LYS A 202 -4.07 11.59 4.51
N ALA A 203 -4.01 10.34 4.05
CA ALA A 203 -4.89 9.28 4.58
C ALA A 203 -4.63 9.02 6.06
N VAL A 204 -3.35 8.90 6.40
CA VAL A 204 -2.94 8.69 7.79
C VAL A 204 -3.47 9.81 8.69
N GLN A 205 -3.24 11.06 8.29
CA GLN A 205 -3.72 12.22 9.07
C GLN A 205 -5.25 12.25 9.20
N HIS A 206 -5.95 11.94 8.11
CA HIS A 206 -7.41 11.91 8.16
C HIS A 206 -7.94 10.84 9.14
N PHE A 207 -7.43 9.62 9.01
CA PHE A 207 -7.90 8.54 9.87
C PHE A 207 -7.47 8.67 11.33
N TYR A 208 -6.33 9.31 11.56
CA TYR A 208 -5.94 9.65 12.92
C TYR A 208 -6.94 10.63 13.55
N ASN A 209 -7.36 11.65 12.78
CA ASN A 209 -8.39 12.58 13.25
C ASN A 209 -9.68 11.84 13.57
N ILE A 210 -10.06 10.91 12.68
CA ILE A 210 -11.22 10.05 12.89
C ILE A 210 -11.09 9.25 14.18
N LYS A 211 -9.90 8.71 14.43
CA LYS A 211 -9.59 8.03 15.68
C LYS A 211 -9.80 8.94 16.91
N LEU A 212 -9.31 10.18 16.83
CA LEU A 212 -9.42 11.13 17.95
C LEU A 212 -10.86 11.52 18.25
N GLU A 213 -11.68 11.53 17.21
CA GLU A 213 -13.08 11.93 17.32
C GLU A 213 -13.92 10.86 18.04
N GLY A 214 -13.45 9.61 18.03
CA GLY A 214 -14.02 8.54 18.84
C GLY A 214 -15.34 7.90 18.39
N LYS A 215 -15.83 8.26 17.21
CA LYS A 215 -17.14 7.79 16.72
C LYS A 215 -17.08 6.52 15.85
N VAL A 216 -15.90 6.24 15.31
CA VAL A 216 -15.71 5.06 14.46
C VAL A 216 -14.88 4.01 15.21
N PRO A 217 -15.48 2.84 15.52
CA PRO A 217 -14.73 1.78 16.19
C PRO A 217 -13.59 1.28 15.30
N MET A 218 -12.42 1.05 15.89
CA MET A 218 -11.28 0.59 15.13
C MET A 218 -10.64 -0.59 15.83
N HIS A 219 -10.22 -1.60 15.05
CA HIS A 219 -9.51 -2.75 15.59
C HIS A 219 -8.04 -2.45 15.91
N LYS A 220 -7.46 -3.36 16.68
CA LYS A 220 -6.20 -3.15 17.38
C LYS A 220 -4.96 -3.02 16.47
N LEU A 221 -4.87 -3.83 15.41
CA LEU A 221 -3.74 -3.69 14.47
C LEU A 221 -3.76 -2.33 13.74
N PHE A 222 -4.92 -1.97 13.20
CA PHE A 222 -5.09 -0.69 12.53
C PHE A 222 -4.72 0.46 13.48
N LEU A 223 -5.21 0.40 14.72
CA LEU A 223 -4.87 1.42 15.73
C LEU A 223 -3.39 1.47 16.02
N GLU A 224 -2.75 0.32 16.13
CA GLU A 224 -1.32 0.24 16.41
C GLU A 224 -0.52 0.91 15.29
N MET A 225 -0.87 0.60 14.04
CA MET A 225 -0.18 1.15 12.88
C MET A 225 -0.42 2.65 12.73
N LEU A 226 -1.63 3.10 13.03
CA LEU A 226 -1.94 4.54 13.05
C LEU A 226 -1.15 5.29 14.11
N GLU A 227 -1.09 4.74 15.32
N GLU A 227 -1.06 4.69 15.30
CA GLU A 227 -0.37 5.41 16.41
CA GLU A 227 -0.40 5.30 16.47
C GLU A 227 1.11 5.53 16.08
C GLU A 227 1.14 5.30 16.37
N ALA A 228 1.68 4.48 15.48
CA ALA A 228 3.12 4.46 15.17
C ALA A 228 3.55 5.55 14.17
N LYS A 229 2.61 6.01 13.34
CA LYS A 229 2.90 6.94 12.24
C LYS A 229 2.88 8.41 12.65
N VAL A 230 2.05 8.74 13.63
CA VAL A 230 1.88 10.12 14.08
C VAL A 230 2.51 10.28 15.47
N SER B 13 2.73 -4.36 20.08
CA SER B 13 3.14 -5.79 20.28
C SER B 13 2.50 -6.69 19.22
N LEU B 14 1.38 -6.26 18.65
CA LEU B 14 0.63 -7.05 17.67
C LEU B 14 1.36 -7.22 16.34
N LEU B 15 1.91 -6.12 15.82
CA LEU B 15 2.77 -6.18 14.65
C LEU B 15 3.93 -7.15 14.90
N LEU B 16 4.60 -7.00 16.06
CA LEU B 16 5.69 -7.90 16.42
C LEU B 16 5.21 -9.35 16.50
N HIS B 17 4.08 -9.59 17.17
CA HIS B 17 3.50 -10.92 17.25
C HIS B 17 3.32 -11.55 15.87
N LEU B 18 2.74 -10.79 14.95
CA LEU B 18 2.45 -11.30 13.61
C LEU B 18 3.72 -11.54 12.79
N LEU B 19 4.72 -10.68 12.96
CA LEU B 19 6.02 -10.88 12.30
C LEU B 19 6.72 -12.15 12.78
N LYS B 20 6.53 -12.48 14.06
CA LYS B 20 7.10 -13.68 14.66
C LYS B 20 6.30 -14.95 14.33
N SER B 21 5.02 -14.77 14.06
CA SER B 21 4.06 -15.86 13.85
C SER B 21 4.35 -16.74 12.64
N GLN B 22 3.95 -18.02 12.77
CA GLN B 22 4.16 -19.10 11.78
C GLN B 22 5.55 -19.13 11.13
#